data_7F2F
#
_entry.id   7F2F
#
_cell.length_a   73.025
_cell.length_b   73.025
_cell.length_c   181.782
_cell.angle_alpha   90.000
_cell.angle_beta   90.000
_cell.angle_gamma   90.000
#
_symmetry.space_group_name_H-M   'P 41 21 2'
#
loop_
_entity.id
_entity.type
_entity.pdbx_description
1 polymer 'Serine-rich protein TYE7'
2 polymer "DNA (5'-D(*CP*AP*GP*AP*TP*CP*AP*TP*GP*TP*GP*TP*GP*CP*C)-3')"
3 polymer "DNA (5'-D(*GP*GP*GP*CP*AP*CP*AP*CP*AP*TP*GP*AP*TP*CP*T)-3')"
#
loop_
_entity_poly.entity_id
_entity_poly.type
_entity_poly.pdbx_seq_one_letter_code
_entity_poly.pdbx_strand_id
1 'polypeptide(L)'
;MAKETKKRAPRKRLTPFQKQAHNKIEKRYRININTKIARLQQIIPWVASEQTAFEVGDSVKKQDEDGAETAATTPLPSAA
ATSTKLNKSMILEKAVDYILYLQNNERLYEMEVQRLKSEIDTLKQDQKLEHHHHHH
;
A,B
2 'polydeoxyribonucleotide' (DC)(DA)(DG)(DA)(DT)(DC)(DA)(DT)(DG)(DT)(DG)(DT)(DG)(DC)(DC) E
3 'polydeoxyribonucleotide' (DG)(DG)(DG)(DC)(DA)(DC)(DA)(DC)(DA)(DT)(DG)(DA)(DT)(DC)(DT) H
#
# COMPACT_ATOMS: atom_id res chain seq x y z
N LEU A 14 30.79 -19.24 -17.00
CA LEU A 14 31.92 -18.42 -16.47
C LEU A 14 32.62 -17.60 -17.60
N THR A 15 31.91 -17.37 -18.71
CA THR A 15 32.51 -17.02 -20.01
C THR A 15 31.82 -15.81 -20.69
N PRO A 16 32.57 -14.98 -21.45
CA PRO A 16 32.07 -13.71 -22.03
C PRO A 16 30.60 -13.59 -22.51
N PHE A 17 30.10 -14.54 -23.32
CA PHE A 17 28.72 -14.47 -23.86
C PHE A 17 27.60 -14.71 -22.82
N GLN A 18 27.93 -15.48 -21.77
CA GLN A 18 26.97 -15.91 -20.71
C GLN A 18 27.12 -15.11 -19.41
N LYS A 19 28.30 -14.50 -19.22
CA LYS A 19 28.41 -13.28 -18.42
C LYS A 19 27.37 -12.30 -19.00
N GLN A 20 27.63 -11.75 -20.17
CA GLN A 20 26.73 -10.78 -20.85
C GLN A 20 25.21 -11.03 -20.60
N ALA A 21 24.80 -12.29 -20.70
CA ALA A 21 23.39 -12.68 -20.55
C ALA A 21 22.86 -12.55 -19.12
N HIS A 22 23.69 -12.95 -18.15
CA HIS A 22 23.40 -12.84 -16.70
C HIS A 22 23.09 -11.41 -16.27
N ASN A 23 23.77 -10.45 -16.90
CA ASN A 23 23.59 -9.02 -16.65
C ASN A 23 22.35 -8.47 -17.29
N LYS A 24 22.17 -8.78 -18.56
CA LYS A 24 20.93 -8.49 -19.26
C LYS A 24 19.73 -8.86 -18.36
N ILE A 25 19.81 -10.04 -17.76
CA ILE A 25 18.80 -10.57 -16.86
C ILE A 25 18.66 -9.73 -15.59
N GLU A 26 19.76 -9.57 -14.86
CA GLU A 26 19.78 -8.74 -13.66
C GLU A 26 19.35 -7.29 -13.84
N LYS A 27 19.73 -6.65 -14.93
CA LYS A 27 19.21 -5.34 -15.19
C LYS A 27 17.72 -5.41 -15.25
N ARG A 28 17.14 -6.42 -15.92
CA ARG A 28 15.68 -6.49 -16.05
C ARG A 28 14.99 -6.73 -14.69
N TYR A 29 15.53 -7.63 -13.88
CA TYR A 29 15.05 -7.85 -12.53
C TYR A 29 15.04 -6.49 -11.76
N ARG A 30 16.15 -5.78 -11.77
N ARG A 30 16.20 -5.83 -11.77
CA ARG A 30 16.25 -4.52 -11.04
CA ARG A 30 16.42 -4.49 -11.21
C ARG A 30 15.26 -3.50 -11.55
C ARG A 30 15.26 -3.61 -11.56
N ILE A 31 15.05 -3.39 -12.85
CA ILE A 31 14.00 -2.47 -13.32
C ILE A 31 12.57 -2.94 -13.00
N ASN A 32 12.38 -4.25 -12.78
CA ASN A 32 11.07 -4.70 -12.41
C ASN A 32 10.81 -4.29 -10.97
N ILE A 33 11.74 -4.55 -10.07
CA ILE A 33 11.58 -4.02 -8.73
C ILE A 33 11.39 -2.47 -8.70
N ASN A 34 12.25 -1.70 -9.36
CA ASN A 34 12.01 -0.25 -9.39
C ASN A 34 10.66 0.19 -9.99
N THR A 35 10.08 -0.58 -10.89
CA THR A 35 8.84 -0.17 -11.53
C THR A 35 7.66 -0.48 -10.62
N LYS A 36 7.83 -1.53 -9.85
CA LYS A 36 6.85 -1.93 -8.90
C LYS A 36 6.84 -0.97 -7.70
N ILE A 37 8.00 -0.60 -7.24
CA ILE A 37 8.08 0.46 -6.25
C ILE A 37 7.50 1.76 -6.76
N ALA A 38 7.83 2.16 -7.98
CA ALA A 38 7.24 3.39 -8.51
C ALA A 38 5.74 3.28 -8.64
N ARG A 39 5.16 2.09 -8.89
CA ARG A 39 3.70 1.98 -9.00
C ARG A 39 3.01 2.16 -7.68
N LEU A 40 3.67 1.60 -6.66
CA LEU A 40 3.25 1.71 -5.30
C LEU A 40 3.29 3.18 -4.93
N GLN A 41 4.29 3.92 -5.40
CA GLN A 41 4.30 5.34 -5.12
C GLN A 41 3.12 6.00 -5.77
N GLN A 42 2.87 5.61 -7.02
CA GLN A 42 1.95 6.39 -7.84
C GLN A 42 0.53 6.26 -7.38
N ILE A 43 0.26 5.26 -6.53
CA ILE A 43 -1.09 5.07 -6.02
C ILE A 43 -1.36 5.75 -4.67
N ILE A 44 -0.32 6.30 -4.07
CA ILE A 44 -0.42 6.86 -2.74
C ILE A 44 -0.45 8.36 -2.99
N PRO A 45 -1.61 8.99 -2.84
CA PRO A 45 -1.68 10.42 -3.18
C PRO A 45 -0.77 11.31 -2.33
N TRP A 46 -0.41 10.87 -1.15
CA TRP A 46 0.62 11.55 -0.40
C TRP A 46 1.94 11.68 -1.16
N VAL A 47 2.24 10.82 -2.12
CA VAL A 47 3.55 10.87 -2.78
C VAL A 47 3.57 10.73 -4.28
N ALA A 48 2.39 10.64 -4.90
CA ALA A 48 2.26 10.06 -6.23
C ALA A 48 2.91 10.91 -7.32
N SER A 49 2.75 12.23 -7.19
CA SER A 49 3.29 13.19 -8.15
C SER A 49 4.75 13.65 -7.90
N GLU A 50 5.44 13.11 -6.90
CA GLU A 50 6.87 13.44 -6.70
C GLU A 50 7.79 12.83 -7.76
N GLN A 51 9.03 13.30 -7.74
CA GLN A 51 10.16 12.72 -8.50
C GLN A 51 10.65 11.48 -7.79
N THR A 52 11.52 10.75 -8.46
CA THR A 52 12.03 9.50 -7.95
C THR A 52 13.56 9.55 -7.98
N ALA A 53 14.18 9.14 -6.89
CA ALA A 53 15.65 8.95 -6.81
C ALA A 53 16.23 7.85 -7.71
N PHE A 54 15.39 7.10 -8.43
CA PHE A 54 15.81 5.88 -9.11
C PHE A 54 15.12 5.75 -10.49
N GLU A 55 15.76 4.94 -11.29
CA GLU A 55 15.39 4.75 -12.67
C GLU A 55 14.24 3.76 -12.66
N VAL A 56 13.12 4.22 -13.19
CA VAL A 56 12.02 3.36 -13.62
C VAL A 56 12.28 2.99 -15.08
N GLY A 57 11.77 1.85 -15.54
CA GLY A 57 11.84 1.51 -16.98
C GLY A 57 10.86 2.24 -17.89
N ASP A 58 10.56 3.51 -17.58
CA ASP A 58 9.39 4.22 -18.16
C ASP A 58 9.60 4.62 -19.63
N SER A 83 12.95 21.01 -5.25
CA SER A 83 13.03 19.84 -6.12
C SER A 83 13.93 18.77 -5.52
N THR A 84 13.33 17.80 -4.82
CA THR A 84 14.05 16.60 -4.33
C THR A 84 13.23 15.30 -4.50
N LYS A 85 13.98 14.19 -4.61
CA LYS A 85 13.51 12.95 -5.19
C LYS A 85 13.12 12.01 -4.09
N LEU A 86 12.00 11.30 -4.25
CA LEU A 86 11.69 10.19 -3.35
C LEU A 86 12.60 8.95 -3.50
N ASN A 87 13.03 8.38 -2.38
CA ASN A 87 13.79 7.15 -2.37
C ASN A 87 12.94 5.96 -2.09
N LYS A 88 13.53 4.80 -2.32
CA LYS A 88 12.82 3.57 -2.19
C LYS A 88 12.22 3.42 -0.82
N SER A 89 13.02 3.62 0.20
CA SER A 89 12.57 3.32 1.55
C SER A 89 11.46 4.31 1.98
N MET A 90 11.49 5.52 1.41
CA MET A 90 10.49 6.52 1.71
C MET A 90 9.14 6.02 1.22
N ILE A 91 9.15 5.52 -0.02
CA ILE A 91 7.94 4.97 -0.60
C ILE A 91 7.45 3.77 0.18
N LEU A 92 8.35 2.89 0.59
CA LEU A 92 7.93 1.82 1.46
C LEU A 92 7.29 2.27 2.79
N GLU A 93 7.93 3.22 3.52
CA GLU A 93 7.43 3.68 4.79
C GLU A 93 6.08 4.33 4.58
N LYS A 94 5.95 5.18 3.56
CA LYS A 94 4.73 5.86 3.30
C LYS A 94 3.63 4.86 2.97
N ALA A 95 3.93 3.84 2.16
CA ALA A 95 2.92 2.82 1.86
C ALA A 95 2.41 2.16 3.12
N VAL A 96 3.30 1.85 4.05
CA VAL A 96 2.79 1.36 5.34
C VAL A 96 2.00 2.47 6.07
N ASP A 97 2.46 3.73 6.06
CA ASP A 97 1.71 4.77 6.76
C ASP A 97 0.32 4.88 6.16
N TYR A 98 0.24 4.79 4.88
CA TYR A 98 -1.01 5.07 4.22
C TYR A 98 -1.99 3.90 4.35
N ILE A 99 -1.48 2.68 4.44
CA ILE A 99 -2.37 1.56 4.68
C ILE A 99 -2.94 1.58 6.10
N LEU A 100 -2.13 1.88 7.10
CA LEU A 100 -2.66 2.09 8.45
C LEU A 100 -3.75 3.21 8.55
N TYR A 101 -3.46 4.32 7.94
CA TYR A 101 -4.42 5.38 7.80
C TYR A 101 -5.71 4.88 7.24
N LEU A 102 -5.66 4.14 6.13
CA LEU A 102 -6.88 3.69 5.47
C LEU A 102 -7.56 2.62 6.28
N GLN A 103 -6.82 1.68 6.86
CA GLN A 103 -7.48 0.72 7.75
C GLN A 103 -8.17 1.35 8.94
N ASN A 104 -7.52 2.37 9.51
CA ASN A 104 -8.08 3.14 10.60
C ASN A 104 -9.28 3.90 10.13
N ASN A 105 -9.22 4.62 9.00
CA ASN A 105 -10.46 5.20 8.55
C ASN A 105 -11.64 4.24 8.34
N GLU A 106 -11.44 2.99 7.94
CA GLU A 106 -12.62 2.16 7.71
C GLU A 106 -13.36 1.98 8.99
N ARG A 107 -12.63 1.89 10.11
CA ARG A 107 -13.33 1.80 11.41
C ARG A 107 -14.23 3.02 11.61
N LEU A 108 -13.75 4.22 11.28
CA LEU A 108 -14.58 5.39 11.38
C LEU A 108 -15.75 5.30 10.41
N TYR A 109 -15.52 4.81 9.20
CA TYR A 109 -16.62 4.60 8.25
C TYR A 109 -17.63 3.62 8.74
N GLU A 110 -17.17 2.55 9.38
CA GLU A 110 -18.12 1.59 9.95
C GLU A 110 -19.02 2.21 10.98
N MET A 111 -18.46 3.10 11.79
CA MET A 111 -19.23 3.71 12.85
C MET A 111 -20.26 4.68 12.23
N GLU A 112 -19.84 5.48 11.24
CA GLU A 112 -20.72 6.41 10.61
C GLU A 112 -21.92 5.60 10.06
N VAL A 113 -21.66 4.51 9.37
CA VAL A 113 -22.71 3.65 8.87
C VAL A 113 -23.65 3.10 9.96
N GLN A 114 -23.11 2.60 11.07
CA GLN A 114 -23.94 2.14 12.15
C GLN A 114 -24.77 3.25 12.71
N ARG A 115 -24.19 4.40 13.00
CA ARG A 115 -25.01 5.48 13.54
C ARG A 115 -26.19 5.78 12.64
N LEU A 116 -26.00 5.64 11.32
CA LEU A 116 -27.04 6.01 10.37
C LEU A 116 -28.10 4.93 10.29
N LYS A 117 -27.66 3.69 10.13
CA LYS A 117 -28.58 2.57 10.16
C LYS A 117 -29.49 2.61 11.39
N SER A 118 -28.93 2.92 12.55
CA SER A 118 -29.74 2.97 13.73
C SER A 118 -30.65 4.21 13.78
N GLU A 119 -30.22 5.34 13.27
CA GLU A 119 -31.16 6.46 13.11
C GLU A 119 -32.32 6.08 12.21
N ILE A 120 -32.08 5.31 11.15
CA ILE A 120 -33.18 4.75 10.34
C ILE A 120 -34.06 3.78 11.12
N ASP A 121 -33.46 2.77 11.76
CA ASP A 121 -34.20 1.88 12.65
C ASP A 121 -35.19 2.74 13.41
N THR A 122 -34.67 3.74 14.13
CA THR A 122 -35.47 4.48 15.08
C THR A 122 -36.55 5.40 14.49
N LEU A 123 -36.45 5.76 13.20
CA LEU A 123 -37.53 6.47 12.52
C LEU A 123 -38.61 5.51 12.06
N LYS A 124 -38.20 4.40 11.44
CA LYS A 124 -39.14 3.33 10.98
C LYS A 124 -40.01 2.60 12.05
N GLN A 125 -39.54 2.48 13.30
CA GLN A 125 -40.35 1.85 14.38
C GLN A 125 -41.51 2.75 14.83
N ASP A 126 -41.40 4.05 14.56
CA ASP A 126 -42.54 4.97 14.64
C ASP A 126 -43.62 4.52 13.64
N GLN A 127 -43.18 4.34 12.39
CA GLN A 127 -44.03 4.19 11.20
C GLN A 127 -44.90 5.45 11.04
N LEU B 14 41.20 4.46 -0.17
CA LEU B 14 40.32 3.29 -0.51
C LEU B 14 41.02 2.01 -0.05
N THR B 15 41.28 1.94 1.26
CA THR B 15 42.20 0.95 1.83
C THR B 15 41.45 -0.36 2.11
N PRO B 16 42.07 -1.32 2.83
CA PRO B 16 41.30 -2.49 3.35
C PRO B 16 40.36 -2.22 4.55
N PHE B 17 40.68 -1.25 5.39
CA PHE B 17 39.74 -0.82 6.42
C PHE B 17 38.48 -0.29 5.76
N GLN B 18 38.65 0.50 4.68
CA GLN B 18 37.55 1.30 4.10
C GLN B 18 36.51 0.51 3.31
N LYS B 19 36.92 -0.57 2.66
CA LYS B 19 35.99 -1.44 1.93
C LYS B 19 35.14 -2.30 2.85
N GLN B 20 35.67 -2.66 4.03
CA GLN B 20 34.86 -3.27 5.07
C GLN B 20 33.78 -2.29 5.60
N ALA B 21 34.04 -0.98 5.50
CA ALA B 21 33.11 0.08 5.95
C ALA B 21 31.99 0.42 4.97
N HIS B 22 32.19 0.10 3.70
CA HIS B 22 31.12 0.17 2.69
C HIS B 22 30.27 -1.08 2.94
N ASN B 23 30.89 -2.25 2.93
CA ASN B 23 30.16 -3.51 3.15
C ASN B 23 29.53 -3.66 4.55
N LYS B 24 29.71 -2.68 5.43
CA LYS B 24 28.87 -2.57 6.62
C LYS B 24 27.71 -1.64 6.26
N ILE B 25 28.02 -0.47 5.71
CA ILE B 25 26.97 0.46 5.32
C ILE B 25 25.95 -0.19 4.34
N GLU B 26 26.43 -0.74 3.23
CA GLU B 26 25.56 -1.22 2.19
C GLU B 26 24.77 -2.46 2.61
N LYS B 27 25.34 -3.37 3.36
CA LYS B 27 24.53 -4.45 3.93
C LYS B 27 23.29 -3.88 4.67
N ARG B 28 23.49 -2.81 5.43
CA ARG B 28 22.41 -2.23 6.21
C ARG B 28 21.36 -1.70 5.26
N TYR B 29 21.79 -0.99 4.22
CA TYR B 29 20.84 -0.48 3.23
C TYR B 29 19.97 -1.65 2.74
N ARG B 30 20.59 -2.78 2.44
N ARG B 30 20.62 -2.77 2.39
CA ARG B 30 19.88 -3.91 1.87
CA ARG B 30 19.98 -4.02 1.92
C ARG B 30 18.90 -4.57 2.87
C ARG B 30 18.91 -4.51 2.89
N ILE B 31 19.30 -4.78 4.13
CA ILE B 31 18.30 -5.26 5.15
C ILE B 31 17.34 -4.16 5.60
N ASN B 32 17.68 -2.88 5.41
CA ASN B 32 16.74 -1.85 5.67
C ASN B 32 15.59 -1.99 4.65
N ILE B 33 15.92 -2.10 3.36
CA ILE B 33 14.92 -2.35 2.33
C ILE B 33 14.18 -3.65 2.63
N ASN B 34 14.88 -4.69 2.98
CA ASN B 34 14.11 -5.90 3.13
C ASN B 34 13.07 -5.79 4.22
N THR B 35 13.39 -5.08 5.29
CA THR B 35 12.51 -5.03 6.46
C THR B 35 11.31 -4.16 6.16
N LYS B 36 11.51 -3.11 5.38
CA LYS B 36 10.40 -2.31 4.93
C LYS B 36 9.49 -3.12 4.03
N ILE B 37 10.06 -3.92 3.14
CA ILE B 37 9.25 -4.81 2.36
C ILE B 37 8.50 -5.84 3.21
N ALA B 38 9.13 -6.38 4.22
CA ALA B 38 8.42 -7.30 5.08
C ALA B 38 7.35 -6.64 5.95
N ARG B 39 7.59 -5.42 6.38
CA ARG B 39 6.60 -4.71 7.16
C ARG B 39 5.39 -4.49 6.31
N LEU B 40 5.60 -4.20 5.05
CA LEU B 40 4.51 -3.94 4.17
C LEU B 40 3.77 -5.23 3.97
N GLN B 41 4.48 -6.33 3.83
CA GLN B 41 3.79 -7.61 3.68
C GLN B 41 2.93 -7.85 4.92
N GLN B 42 3.44 -7.48 6.07
CA GLN B 42 2.77 -7.87 7.30
C GLN B 42 1.59 -7.05 7.69
N ILE B 43 1.31 -5.96 7.02
CA ILE B 43 0.04 -5.27 7.28
C ILE B 43 -1.00 -5.61 6.26
N ILE B 44 -0.63 -6.33 5.21
CA ILE B 44 -1.59 -6.78 4.21
C ILE B 44 -2.12 -8.13 4.64
N PRO B 45 -3.37 -8.21 5.06
CA PRO B 45 -3.89 -9.51 5.55
C PRO B 45 -3.91 -10.63 4.52
N TRP B 46 -3.97 -10.31 3.25
CA TRP B 46 -3.85 -11.31 2.22
C TRP B 46 -2.57 -12.12 2.29
N VAL B 47 -1.45 -11.50 2.71
CA VAL B 47 -0.12 -12.16 2.62
C VAL B 47 0.68 -12.16 3.90
N ALA B 48 0.08 -11.82 5.03
CA ALA B 48 0.85 -11.45 6.21
C ALA B 48 1.54 -12.63 6.85
N SER B 49 0.87 -13.76 6.80
CA SER B 49 1.28 -14.99 7.48
C SER B 49 2.46 -15.72 6.77
N GLU B 50 2.62 -15.45 5.48
CA GLU B 50 3.58 -16.13 4.62
C GLU B 50 5.03 -15.95 5.03
N GLN B 51 5.86 -16.89 4.61
CA GLN B 51 7.31 -16.78 4.72
C GLN B 51 7.84 -16.15 3.45
N THR B 52 9.06 -15.64 3.54
CA THR B 52 9.64 -14.78 2.52
C THR B 52 10.79 -15.45 1.77
N ALA B 53 10.95 -15.10 0.49
CA ALA B 53 12.16 -15.45 -0.28
C ALA B 53 13.49 -14.86 0.24
N PHE B 54 13.42 -13.86 1.13
CA PHE B 54 14.55 -12.99 1.45
C PHE B 54 14.74 -12.91 2.94
N GLU B 55 15.91 -12.41 3.34
CA GLU B 55 16.29 -12.29 4.74
C GLU B 55 15.65 -11.00 5.27
N VAL B 56 14.74 -11.20 6.24
CA VAL B 56 14.02 -10.12 6.90
C VAL B 56 14.88 -9.62 8.08
N GLY B 57 15.22 -10.52 9.00
CA GLY B 57 16.07 -10.17 10.14
C GLY B 57 15.41 -9.19 11.10
N SER B 83 3.68 -24.27 2.71
CA SER B 83 4.99 -23.68 2.93
C SER B 83 5.55 -23.07 1.64
N THR B 84 4.98 -21.92 1.26
CA THR B 84 5.35 -21.13 0.06
C THR B 84 6.06 -19.80 0.41
N LYS B 85 7.23 -19.56 -0.21
CA LYS B 85 8.08 -18.37 0.04
C LYS B 85 7.67 -17.20 -0.83
N LEU B 86 7.34 -16.04 -0.23
CA LEU B 86 6.95 -14.83 -1.00
C LEU B 86 8.14 -13.97 -1.44
N ASN B 87 8.15 -13.57 -2.70
CA ASN B 87 9.23 -12.78 -3.23
C ASN B 87 8.87 -11.28 -3.24
N LYS B 88 9.89 -10.45 -3.34
CA LYS B 88 9.73 -9.03 -3.21
C LYS B 88 8.74 -8.45 -4.18
N SER B 89 8.81 -8.87 -5.44
CA SER B 89 7.79 -8.51 -6.44
C SER B 89 6.35 -8.77 -6.11
N MET B 90 6.07 -9.86 -5.41
CA MET B 90 4.72 -10.27 -5.18
C MET B 90 4.19 -9.43 -4.07
N ILE B 91 4.97 -9.25 -3.02
CA ILE B 91 4.61 -8.31 -1.98
C ILE B 91 4.31 -6.94 -2.48
N LEU B 92 5.13 -6.45 -3.40
CA LEU B 92 4.91 -5.10 -3.99
C LEU B 92 3.75 -5.02 -4.90
N GLU B 93 3.42 -6.11 -5.58
CA GLU B 93 2.24 -6.16 -6.44
C GLU B 93 0.97 -6.16 -5.59
N LYS B 94 0.97 -7.01 -4.57
CA LYS B 94 -0.18 -7.16 -3.74
C LYS B 94 -0.44 -5.86 -2.95
N ALA B 95 0.64 -5.17 -2.59
CA ALA B 95 0.54 -3.90 -1.90
C ALA B 95 -0.22 -2.95 -2.71
N VAL B 96 0.12 -2.83 -3.96
CA VAL B 96 -0.72 -2.00 -4.83
C VAL B 96 -2.16 -2.49 -4.90
N ASP B 97 -2.41 -3.80 -4.91
CA ASP B 97 -3.80 -4.20 -5.16
C ASP B 97 -4.58 -3.95 -3.90
N TYR B 98 -3.88 -4.17 -2.76
CA TYR B 98 -4.53 -4.05 -1.47
C TYR B 98 -4.90 -2.59 -1.21
N ILE B 99 -4.17 -1.66 -1.78
CA ILE B 99 -4.53 -0.28 -1.64
C ILE B 99 -5.69 0.05 -2.54
N LEU B 100 -5.73 -0.49 -3.75
CA LEU B 100 -6.88 -0.19 -4.64
C LEU B 100 -8.13 -0.68 -3.97
N TYR B 101 -8.04 -1.88 -3.40
CA TYR B 101 -9.13 -2.43 -2.65
C TYR B 101 -9.60 -1.47 -1.57
N LEU B 102 -8.67 -0.89 -0.76
CA LEU B 102 -9.06 0.02 0.33
C LEU B 102 -9.55 1.30 -0.22
N GLN B 103 -8.96 1.80 -1.29
CA GLN B 103 -9.54 2.97 -1.96
C GLN B 103 -10.93 2.70 -2.50
N ASN B 104 -11.15 1.53 -3.10
CA ASN B 104 -12.47 1.14 -3.54
C ASN B 104 -13.42 1.18 -2.38
N ASN B 105 -13.08 0.51 -1.28
CA ASN B 105 -13.97 0.44 -0.14
C ASN B 105 -14.35 1.78 0.39
N GLU B 106 -13.44 2.75 0.33
CA GLU B 106 -13.76 4.07 0.76
C GLU B 106 -14.81 4.64 -0.20
N ARG B 107 -14.68 4.46 -1.50
CA ARG B 107 -15.75 4.90 -2.42
C ARG B 107 -17.07 4.25 -2.04
N LEU B 108 -17.09 2.96 -1.81
CA LEU B 108 -18.30 2.26 -1.37
C LEU B 108 -18.85 2.78 -0.05
N TYR B 109 -18.00 3.09 0.91
CA TYR B 109 -18.45 3.66 2.14
C TYR B 109 -19.02 5.05 1.96
N GLU B 110 -18.44 5.88 1.13
CA GLU B 110 -19.01 7.23 0.92
C GLU B 110 -20.30 7.16 0.09
N MET B 111 -20.46 6.11 -0.70
CA MET B 111 -21.74 5.82 -1.33
C MET B 111 -22.79 5.28 -0.34
N GLU B 112 -22.39 4.36 0.53
CA GLU B 112 -23.31 3.82 1.52
C GLU B 112 -23.87 4.91 2.44
N VAL B 113 -22.99 5.80 2.88
CA VAL B 113 -23.34 6.91 3.67
C VAL B 113 -24.39 7.71 2.92
N GLN B 114 -24.13 8.10 1.69
CA GLN B 114 -25.09 8.96 0.98
C GLN B 114 -26.44 8.32 0.83
N ARG B 115 -26.46 7.04 0.48
CA ARG B 115 -27.69 6.29 0.40
C ARG B 115 -28.41 6.34 1.77
N LEU B 116 -27.69 6.17 2.88
CA LEU B 116 -28.33 6.12 4.18
C LEU B 116 -28.80 7.50 4.55
N LYS B 117 -27.97 8.54 4.39
CA LYS B 117 -28.45 9.92 4.65
C LYS B 117 -29.66 10.28 3.77
N SER B 118 -29.68 9.75 2.57
CA SER B 118 -30.74 10.04 1.66
C SER B 118 -32.02 9.43 2.18
N GLU B 119 -31.97 8.14 2.53
CA GLU B 119 -33.09 7.41 3.14
C GLU B 119 -33.60 8.07 4.44
N ILE B 120 -32.71 8.65 5.23
CA ILE B 120 -33.11 9.39 6.44
C ILE B 120 -33.86 10.63 6.07
N ASP B 121 -33.37 11.30 5.05
CA ASP B 121 -34.06 12.44 4.56
C ASP B 121 -35.47 12.12 4.11
N THR B 122 -35.63 11.05 3.32
CA THR B 122 -36.93 10.80 2.77
C THR B 122 -37.88 10.40 3.91
N LEU B 123 -37.42 9.65 4.91
CA LEU B 123 -38.27 9.35 6.08
C LEU B 123 -38.68 10.57 6.86
N LYS B 124 -37.75 11.51 7.01
CA LYS B 124 -38.11 12.69 7.77
C LYS B 124 -39.11 13.54 7.02
N GLN B 125 -39.00 13.59 5.70
CA GLN B 125 -39.99 14.33 4.91
C GLN B 125 -41.39 13.69 4.99
N ASP B 126 -41.49 12.46 4.53
CA ASP B 126 -42.73 11.68 4.63
C ASP B 126 -43.41 11.88 5.99
N GLN B 127 -42.63 11.82 7.07
CA GLN B 127 -43.18 11.99 8.40
C GLN B 127 -43.59 13.41 8.71
N LYS B 128 -42.80 14.38 8.27
CA LYS B 128 -43.12 15.78 8.50
C LYS B 128 -44.37 16.19 7.71
N LEU B 129 -44.50 15.74 6.46
CA LEU B 129 -45.63 16.11 5.61
C LEU B 129 -46.86 15.17 5.60
N GLU B 130 -46.88 14.08 6.36
CA GLU B 130 -48.07 13.18 6.33
C GLU B 130 -49.39 13.90 6.76
N HIS B 131 -49.35 14.58 7.91
CA HIS B 131 -50.48 15.34 8.45
C HIS B 131 -50.97 16.43 7.44
N HIS B 132 -50.03 17.02 6.69
CA HIS B 132 -50.28 18.01 5.63
C HIS B 132 -50.86 17.26 4.43
#